data_3MIY
#
_entry.id   3MIY
#
_cell.length_a   39.479
_cell.length_b   52.053
_cell.length_c   66.106
_cell.angle_alpha   98.49
_cell.angle_beta   103.65
_cell.angle_gamma   92.84
#
_symmetry.space_group_name_H-M   'P 1'
#
loop_
_entity.id
_entity.type
_entity.pdbx_description
1 polymer 'Tyrosine-protein kinase ITK/TSK'
2 non-polymer 'N-[2-(diethylamino)ethyl]-5-[(Z)-(5-fluoro-2-oxo-1,2-dihydro-3H-indol-3-ylidene)methyl]-2,4-dimethyl-1H-pyrrole-3-carbo xamide'
3 water water
#
_entity_poly.entity_id   1
_entity_poly.type   'polypeptide(L)'
_entity_poly.pdbx_seq_one_letter_code
;GSVIDPSELTFVQEIGSGQFGLVHLGYWLNKDKVAIKTIREGAMSEEDFIEEAEVMMKLSHPKLVQLYGVCLEQAPICLV
FEFMEHGCLSDYLRTQRGLFAAETLLGMCLDVCEGMAYLEEASVIHRDLAARNCLVGENQVIKVSDFGMTRFVLDDQYTS
STGTKFPVKWASPEVFSFSRYSSKSDVWSFGVLMWEVFSEGKIPYENRSNSEVVEDISTGFRLYKPRLASTHVYQIMNHC
WKERPEDRPAFSRLLRQLAAIAASGL
;
_entity_poly.pdbx_strand_id   A,B
#
loop_
_chem_comp.id
_chem_comp.type
_chem_comp.name
_chem_comp.formula
B49 non-polymer 'N-[2-(diethylamino)ethyl]-5-[(Z)-(5-fluoro-2-oxo-1,2-dihydro-3H-indol-3-ylidene)methyl]-2,4-dimethyl-1H-pyrrole-3-carbo xamide' 'C22 H27 F N4 O2'
#
# COMPACT_ATOMS: atom_id res chain seq x y z
N GLY A 1 0.62 14.13 -2.48
CA GLY A 1 0.04 13.50 -1.27
C GLY A 1 -0.80 14.47 -0.45
N SER A 2 -1.42 13.97 0.61
CA SER A 2 -2.30 14.79 1.44
C SER A 2 -1.56 15.54 2.54
N VAL A 3 -1.96 16.79 2.76
CA VAL A 3 -1.45 17.60 3.87
C VAL A 3 -2.30 17.29 5.10
N ILE A 4 -1.63 17.11 6.23
CA ILE A 4 -2.32 16.77 7.48
C ILE A 4 -2.14 17.88 8.52
N ASP A 5 -3.27 18.35 9.05
CA ASP A 5 -3.30 19.37 10.09
C ASP A 5 -2.90 18.75 11.43
N PRO A 6 -2.06 19.44 12.23
CA PRO A 6 -1.66 18.94 13.56
C PRO A 6 -2.82 18.55 14.46
N SER A 7 -3.95 19.26 14.36
CA SER A 7 -5.14 18.98 15.17
C SER A 7 -5.72 17.60 14.88
N GLU A 8 -5.36 17.04 13.72
CA GLU A 8 -5.88 15.75 13.29
C GLU A 8 -5.05 14.58 13.83
N LEU A 9 -3.93 14.89 14.48
CA LEU A 9 -3.02 13.88 15.00
C LEU A 9 -3.05 13.78 16.53
N THR A 10 -3.17 12.54 17.02
CA THR A 10 -3.09 12.24 18.44
C THR A 10 -1.80 11.48 18.68
N PHE A 11 -0.89 12.07 19.46
CA PHE A 11 0.37 11.42 19.83
C PHE A 11 0.18 10.65 21.13
N VAL A 12 0.17 9.31 21.04
CA VAL A 12 -0.13 8.47 22.20
C VAL A 12 1.12 8.09 23.00
N GLN A 13 2.12 7.52 22.33
CA GLN A 13 3.35 7.10 22.99
C GLN A 13 4.54 7.03 22.03
N GLU A 14 5.72 7.39 22.54
CA GLU A 14 6.96 7.26 21.79
C GLU A 14 7.31 5.78 21.66
N ILE A 15 7.75 5.38 20.46
CA ILE A 15 8.04 3.97 20.18
C ILE A 15 9.38 3.76 19.47
N GLY A 16 9.94 4.83 18.91
CA GLY A 16 11.19 4.75 18.17
C GLY A 16 12.14 5.90 18.45
N SER A 17 13.42 5.71 18.08
CA SER A 17 14.46 6.70 18.30
C SER A 17 15.39 6.80 17.09
N GLY A 18 16.05 7.95 16.94
CA GLY A 18 16.99 8.17 15.84
C GLY A 18 18.00 9.24 16.16
N GLY A 21 15.22 11.43 13.55
CA GLY A 21 14.12 11.89 14.38
C GLY A 21 13.47 10.79 15.21
N LEU A 22 12.29 11.09 15.73
CA LEU A 22 11.58 10.17 16.64
C LEU A 22 10.31 9.60 16.01
N VAL A 23 9.88 8.43 16.51
CA VAL A 23 8.67 7.77 16.04
C VAL A 23 7.65 7.64 17.18
N HIS A 24 6.41 8.06 16.90
CA HIS A 24 5.32 8.00 17.88
C HIS A 24 4.15 7.16 17.38
N LEU A 25 3.59 6.36 18.28
CA LEU A 25 2.32 5.70 18.03
C LEU A 25 1.21 6.74 18.20
N GLY A 26 0.30 6.79 17.24
CA GLY A 26 -0.80 7.74 17.29
C GLY A 26 -2.00 7.38 16.45
N TYR A 27 -2.92 8.33 16.33
CA TYR A 27 -4.10 8.15 15.50
C TYR A 27 -4.31 9.39 14.64
N TRP A 28 -4.84 9.18 13.43
CA TRP A 28 -5.21 10.26 12.55
C TRP A 28 -6.73 10.29 12.44
N LEU A 29 -7.30 11.48 12.62
CA LEU A 29 -8.75 11.70 12.54
C LEU A 29 -9.53 10.83 13.54
N ASN A 30 -8.92 10.56 14.69
CA ASN A 30 -9.46 9.66 15.70
C ASN A 30 -9.85 8.29 15.14
N LYS A 31 -9.20 7.91 14.04
CA LYS A 31 -9.61 6.71 13.31
C LYS A 31 -8.46 5.75 13.05
N ASP A 32 -7.55 6.14 12.16
CA ASP A 32 -6.47 5.24 11.71
C ASP A 32 -5.31 5.27 12.67
N LYS A 33 -4.91 4.07 13.09
CA LYS A 33 -3.67 3.92 13.85
C LYS A 33 -2.52 4.28 12.92
N VAL A 34 -1.62 5.14 13.39
CA VAL A 34 -0.51 5.63 12.58
C VAL A 34 0.81 5.64 13.35
N ALA A 35 1.91 5.61 12.61
CA ALA A 35 3.24 5.85 13.17
C ALA A 35 3.69 7.20 12.68
N ILE A 36 3.89 8.13 13.61
CA ILE A 36 4.24 9.50 13.27
C ILE A 36 5.74 9.71 13.47
N LYS A 37 6.42 10.12 12.40
CA LYS A 37 7.86 10.36 12.45
C LYS A 37 8.16 11.86 12.43
N THR A 38 8.61 12.37 13.56
CA THR A 38 8.97 13.79 13.70
C THR A 38 10.44 14.01 13.34
N ILE A 39 10.71 15.13 12.68
CA ILE A 39 12.08 15.48 12.28
C ILE A 39 12.96 15.80 13.49
N SER A 45 17.38 18.70 7.91
CA SER A 45 16.90 19.56 6.84
C SER A 45 15.43 19.30 6.55
N GLU A 46 14.60 20.33 6.68
CA GLU A 46 13.15 20.22 6.49
C GLU A 46 12.77 19.87 5.05
N GLU A 47 13.41 20.51 4.07
CA GLU A 47 13.12 20.27 2.66
C GLU A 47 13.52 18.86 2.20
N ASP A 48 14.61 18.34 2.76
CA ASP A 48 15.04 16.96 2.49
C ASP A 48 14.11 15.94 3.16
N PHE A 49 13.54 16.33 4.30
CA PHE A 49 12.60 15.50 5.05
C PHE A 49 11.28 15.34 4.29
N ILE A 50 10.81 16.45 3.72
CA ILE A 50 9.56 16.48 2.97
C ILE A 50 9.70 15.77 1.61
N GLU A 51 10.80 16.06 0.91
CA GLU A 51 11.09 15.42 -0.39
C GLU A 51 11.14 13.89 -0.27
N GLU A 52 11.72 13.41 0.83
CA GLU A 52 11.78 11.99 1.15
C GLU A 52 10.38 11.38 1.15
N ALA A 53 9.45 12.07 1.79
CA ALA A 53 8.04 11.67 1.82
C ALA A 53 7.41 11.74 0.43
N GLU A 54 7.73 12.78 -0.32
CA GLU A 54 7.20 12.97 -1.67
C GLU A 54 7.59 11.82 -2.60
N VAL A 55 8.86 11.40 -2.51
CA VAL A 55 9.37 10.23 -3.26
C VAL A 55 8.59 8.96 -2.89
N MET A 56 8.44 8.73 -1.59
CA MET A 56 7.78 7.52 -1.10
C MET A 56 6.30 7.44 -1.49
N MET A 57 5.61 8.59 -1.49
CA MET A 57 4.18 8.64 -1.78
C MET A 57 3.84 8.30 -3.24
N LYS A 58 4.86 8.23 -4.10
CA LYS A 58 4.68 7.89 -5.51
C LYS A 58 5.29 6.54 -5.88
N LEU A 59 5.57 5.73 -4.85
CA LEU A 59 6.12 4.39 -5.05
C LEU A 59 5.20 3.39 -4.35
N SER A 60 4.36 2.75 -5.14
CA SER A 60 3.29 1.91 -4.63
C SER A 60 3.54 0.43 -4.87
N HIS A 61 3.89 -0.27 -3.80
CA HIS A 61 4.12 -1.71 -3.84
C HIS A 61 3.69 -2.34 -2.52
N PRO A 62 3.08 -3.54 -2.57
CA PRO A 62 2.63 -4.21 -1.34
C PRO A 62 3.69 -4.41 -0.25
N LYS A 63 4.97 -4.40 -0.64
CA LYS A 63 6.06 -4.63 0.32
C LYS A 63 6.91 -3.38 0.56
N LEU A 64 6.32 -2.22 0.27
CA LEU A 64 6.92 -0.93 0.61
C LEU A 64 5.95 -0.16 1.50
N VAL A 65 6.45 0.37 2.61
CA VAL A 65 5.60 1.08 3.57
C VAL A 65 4.93 2.30 2.92
N GLN A 66 3.72 2.62 3.40
CA GLN A 66 2.93 3.71 2.84
C GLN A 66 2.66 4.81 3.86
N LEU A 67 2.43 6.02 3.36
CA LEU A 67 2.16 7.19 4.18
C LEU A 67 0.72 7.64 4.03
N TYR A 68 0.16 8.18 5.11
CA TYR A 68 -1.12 8.89 5.03
C TYR A 68 -0.93 10.33 4.59
N GLY A 69 0.22 10.92 4.94
CA GLY A 69 0.51 12.27 4.51
C GLY A 69 1.61 12.94 5.30
N VAL A 70 1.67 14.26 5.15
CA VAL A 70 2.72 15.08 5.75
C VAL A 70 2.09 16.21 6.55
N CYS A 71 2.58 16.41 7.77
CA CYS A 71 2.12 17.48 8.64
C CYS A 71 3.15 18.61 8.64
N LEU A 72 2.83 19.68 7.91
CA LEU A 72 3.78 20.76 7.62
C LEU A 72 3.62 22.00 8.49
N GLU A 73 2.41 22.22 9.01
CA GLU A 73 2.05 23.51 9.61
C GLU A 73 2.91 23.94 10.80
N GLN A 74 3.26 23.00 11.67
CA GLN A 74 3.96 23.34 12.90
C GLN A 74 5.25 22.56 13.13
N ALA A 75 6.30 23.29 13.51
CA ALA A 75 7.59 22.70 13.86
C ALA A 75 7.51 21.98 15.21
N PRO A 76 8.12 20.78 15.31
CA PRO A 76 8.83 20.09 14.23
C PRO A 76 7.88 19.36 13.29
N ILE A 77 8.13 19.50 11.98
CA ILE A 77 7.32 18.82 10.96
C ILE A 77 7.42 17.32 11.09
N CYS A 78 6.37 16.62 10.66
CA CYS A 78 6.35 15.16 10.80
C CYS A 78 5.71 14.45 9.62
N LEU A 79 6.08 13.17 9.47
CA LEU A 79 5.50 12.29 8.47
C LEU A 79 4.53 11.33 9.14
N VAL A 80 3.41 11.08 8.47
CA VAL A 80 2.39 10.20 9.01
C VAL A 80 2.33 8.91 8.20
N PHE A 81 2.77 7.82 8.82
CA PHE A 81 2.86 6.50 8.16
C PHE A 81 1.75 5.59 8.63
N GLU A 82 1.47 4.56 7.81
CA GLU A 82 0.64 3.45 8.26
C GLU A 82 1.30 2.77 9.46
N PHE A 83 0.48 2.21 10.34
CA PHE A 83 0.97 1.51 11.51
C PHE A 83 1.28 0.06 11.16
N MET A 84 2.48 -0.38 11.56
CA MET A 84 2.91 -1.76 11.35
C MET A 84 2.99 -2.44 12.71
N GLU A 85 2.00 -3.31 12.98
CA GLU A 85 1.75 -3.81 14.33
C GLU A 85 2.91 -4.50 15.05
N HIS A 86 3.78 -5.16 14.29
CA HIS A 86 4.91 -5.87 14.91
C HIS A 86 6.24 -5.10 14.85
N GLY A 87 6.16 -3.82 14.48
CA GLY A 87 7.31 -2.91 14.51
C GLY A 87 8.46 -3.26 13.58
N CYS A 88 9.67 -2.88 13.99
CA CYS A 88 10.89 -3.12 13.20
C CYS A 88 11.22 -4.61 13.13
N LEU A 89 11.68 -5.03 11.95
CA LEU A 89 12.04 -6.43 11.73
C LEU A 89 13.15 -6.91 12.68
N SER A 90 14.19 -6.09 12.83
CA SER A 90 15.28 -6.38 13.75
C SER A 90 14.76 -6.71 15.16
N ASP A 91 13.86 -5.88 15.67
CA ASP A 91 13.27 -6.06 17.00
C ASP A 91 12.39 -7.30 17.06
N TYR A 92 11.54 -7.46 16.04
CA TYR A 92 10.64 -8.60 15.94
C TYR A 92 11.36 -9.95 15.91
N LEU A 93 12.46 -10.01 15.15
CA LEU A 93 13.27 -11.23 15.08
C LEU A 93 13.83 -11.62 16.45
N ARG A 94 14.30 -10.62 17.19
CA ARG A 94 14.87 -10.85 18.52
C ARG A 94 13.82 -11.27 19.56
N THR A 95 12.65 -10.65 19.53
CA THR A 95 11.59 -10.95 20.51
C THR A 95 10.93 -12.30 20.24
N GLN A 96 10.82 -12.67 18.96
CA GLN A 96 10.15 -13.91 18.56
C GLN A 96 11.15 -15.05 18.31
N ARG A 97 12.42 -14.81 18.66
CA ARG A 97 13.47 -15.80 18.51
C ARG A 97 13.06 -17.14 19.12
N GLY A 98 13.26 -18.22 18.35
CA GLY A 98 12.91 -19.57 18.78
C GLY A 98 11.55 -20.04 18.27
N LEU A 99 10.77 -19.13 17.71
CA LEU A 99 9.42 -19.44 17.21
C LEU A 99 9.34 -19.50 15.68
N PHE A 100 10.46 -19.26 15.02
CA PHE A 100 10.51 -19.18 13.56
C PHE A 100 10.88 -20.51 12.90
N ALA A 101 10.04 -20.93 11.95
CA ALA A 101 10.41 -21.99 11.02
C ALA A 101 11.24 -21.37 9.88
N ALA A 102 12.17 -22.14 9.32
CA ALA A 102 12.98 -21.67 8.20
C ALA A 102 12.15 -21.11 7.05
N GLU A 103 11.00 -21.75 6.77
CA GLU A 103 10.12 -21.33 5.68
C GLU A 103 9.60 -19.90 5.88
N THR A 104 9.28 -19.56 7.13
CA THR A 104 8.82 -18.22 7.49
C THR A 104 9.94 -17.19 7.31
N LEU A 105 11.15 -17.57 7.70
CA LEU A 105 12.31 -16.69 7.53
C LEU A 105 12.61 -16.44 6.05
N LEU A 106 12.50 -17.48 5.23
CA LEU A 106 12.67 -17.32 3.78
C LEU A 106 11.57 -16.41 3.20
N GLY A 107 10.34 -16.59 3.68
CA GLY A 107 9.21 -15.75 3.26
C GLY A 107 9.46 -14.27 3.54
N MET A 108 10.06 -13.98 4.69
CA MET A 108 10.43 -12.62 5.07
C MET A 108 11.42 -12.03 4.08
N CYS A 109 12.43 -12.82 3.70
CA CYS A 109 13.41 -12.39 2.72
C CYS A 109 12.77 -12.14 1.35
N LEU A 110 11.84 -13.01 0.97
CA LEU A 110 11.09 -12.85 -0.27
C LEU A 110 10.28 -11.54 -0.30
N ASP A 111 9.59 -11.24 0.79
CA ASP A 111 8.86 -9.96 0.92
C ASP A 111 9.77 -8.77 0.64
N VAL A 112 10.91 -8.73 1.34
CA VAL A 112 11.86 -7.64 1.19
C VAL A 112 12.40 -7.60 -0.24
N CYS A 113 12.75 -8.77 -0.78
CA CYS A 113 13.28 -8.85 -2.14
C CYS A 113 12.27 -8.32 -3.18
N GLU A 114 10.99 -8.60 -2.95
CA GLU A 114 9.92 -8.08 -3.81
C GLU A 114 9.92 -6.55 -3.82
N GLY A 115 9.90 -5.95 -2.63
CA GLY A 115 9.96 -4.49 -2.49
C GLY A 115 11.20 -3.92 -3.16
N MET A 116 12.33 -4.58 -2.93
CA MET A 116 13.61 -4.12 -3.47
C MET A 116 13.70 -4.23 -4.99
N ALA A 117 13.09 -5.28 -5.56
CA ALA A 117 13.02 -5.41 -7.03
C ALA A 117 12.19 -4.29 -7.66
N TYR A 118 11.12 -3.88 -6.98
CA TYR A 118 10.32 -2.75 -7.44
C TYR A 118 11.16 -1.46 -7.41
N LEU A 119 11.88 -1.23 -6.32
CA LEU A 119 12.73 -0.04 -6.20
C LEU A 119 13.85 -0.04 -7.23
N GLU A 120 14.44 -1.20 -7.44
CA GLU A 120 15.47 -1.39 -8.46
C GLU A 120 14.96 -0.94 -9.82
N GLU A 121 13.76 -1.41 -10.19
CA GLU A 121 13.15 -1.04 -11.47
C GLU A 121 12.92 0.46 -11.56
N ALA A 122 12.56 1.07 -10.42
CA ALA A 122 12.26 2.50 -10.35
C ALA A 122 13.53 3.36 -10.27
N SER A 123 14.69 2.73 -10.38
CA SER A 123 16.00 3.39 -10.25
C SER A 123 16.13 4.11 -8.91
N VAL A 124 15.70 3.43 -7.84
CA VAL A 124 15.82 3.92 -6.48
C VAL A 124 16.81 3.05 -5.70
N ILE A 125 17.91 3.65 -5.27
CA ILE A 125 18.86 2.98 -4.38
C ILE A 125 18.48 3.29 -2.93
N HIS A 126 18.37 2.24 -2.11
CA HIS A 126 18.00 2.42 -0.71
C HIS A 126 19.15 3.05 0.06
N ARG A 127 20.34 2.44 -0.04
CA ARG A 127 21.59 2.90 0.60
C ARG A 127 21.73 2.52 2.08
N ASP A 128 20.63 2.11 2.71
CA ASP A 128 20.65 1.74 4.13
C ASP A 128 19.72 0.56 4.41
N LEU A 129 19.75 -0.44 3.53
CA LEU A 129 18.90 -1.61 3.68
C LEU A 129 19.44 -2.50 4.78
N ALA A 130 18.58 -2.76 5.77
CA ALA A 130 18.92 -3.55 6.95
C ALA A 130 17.62 -3.91 7.64
N ALA A 131 17.65 -4.93 8.52
CA ALA A 131 16.44 -5.36 9.22
C ALA A 131 15.80 -4.24 10.03
N ARG A 132 16.62 -3.34 10.56
CA ARG A 132 16.15 -2.20 11.34
C ARG A 132 15.31 -1.22 10.50
N ASN A 133 15.51 -1.26 9.17
CA ASN A 133 14.76 -0.42 8.24
C ASN A 133 13.69 -1.19 7.49
N CYS A 134 13.28 -2.32 8.06
CA CYS A 134 12.12 -3.06 7.58
C CYS A 134 11.09 -3.16 8.69
N LEU A 135 9.83 -3.31 8.32
CA LEU A 135 8.73 -3.30 9.27
C LEU A 135 7.86 -4.54 9.11
N VAL A 136 7.28 -4.98 10.23
CA VAL A 136 6.50 -6.21 10.26
C VAL A 136 5.06 -5.86 10.57
N GLY A 137 4.15 -6.25 9.67
CA GLY A 137 2.75 -5.88 9.81
C GLY A 137 1.83 -7.05 10.06
N GLU A 138 0.62 -6.92 9.53
CA GLU A 138 -0.43 -7.93 9.64
C GLU A 138 0.02 -9.23 9.01
N ASN A 139 -0.16 -10.31 9.76
CA ASN A 139 0.24 -11.66 9.35
C ASN A 139 1.70 -11.77 8.90
N GLN A 140 2.56 -11.01 9.58
CA GLN A 140 4.02 -11.08 9.42
C GLN A 140 4.52 -10.64 8.04
N VAL A 141 3.72 -9.90 7.30
CA VAL A 141 4.17 -9.33 6.04
C VAL A 141 5.26 -8.31 6.34
N ILE A 142 6.35 -8.38 5.58
CA ILE A 142 7.47 -7.46 5.76
C ILE A 142 7.41 -6.37 4.70
N LYS A 143 7.56 -5.11 5.13
CA LYS A 143 7.66 -3.99 4.23
C LYS A 143 8.97 -3.24 4.43
N VAL A 144 9.58 -2.82 3.32
CA VAL A 144 10.77 -1.99 3.38
C VAL A 144 10.37 -0.56 3.77
N SER A 145 11.16 0.04 4.65
CA SER A 145 10.93 1.42 5.10
C SER A 145 12.13 2.30 4.74
N ASP A 146 11.96 3.60 4.89
CA ASP A 146 13.03 4.58 4.70
C ASP A 146 13.78 4.45 3.37
N PHE A 147 13.02 4.33 2.29
CA PHE A 147 13.58 4.16 0.95
C PHE A 147 13.51 5.45 0.14
N PRO A 167 26.63 2.86 7.97
CA PRO A 167 26.58 1.48 8.48
C PRO A 167 27.47 0.55 7.65
N VAL A 168 28.75 0.52 7.99
CA VAL A 168 29.74 -0.27 7.23
C VAL A 168 29.41 -1.77 7.19
N LYS A 169 28.74 -2.27 8.22
CA LYS A 169 28.40 -3.70 8.33
C LYS A 169 27.44 -4.17 7.23
N TRP A 170 26.71 -3.22 6.65
CA TRP A 170 25.78 -3.52 5.56
C TRP A 170 26.29 -3.02 4.20
N ALA A 171 27.48 -2.40 4.19
CA ALA A 171 28.03 -1.81 2.98
C ALA A 171 28.86 -2.78 2.14
N SER A 172 28.68 -2.72 0.82
CA SER A 172 29.46 -3.51 -0.12
C SER A 172 30.90 -2.97 -0.17
N PRO A 173 31.86 -3.80 -0.66
CA PRO A 173 33.26 -3.36 -0.77
C PRO A 173 33.47 -2.10 -1.62
N GLU A 174 32.73 -1.97 -2.72
CA GLU A 174 32.82 -0.77 -3.55
C GLU A 174 32.18 0.46 -2.90
N VAL A 175 31.30 0.23 -1.94
CA VAL A 175 30.70 1.32 -1.16
C VAL A 175 31.64 1.80 -0.05
N PHE A 176 32.11 0.90 0.80
CA PHE A 176 32.97 1.33 1.91
C PHE A 176 34.38 1.80 1.48
N SER A 177 34.76 1.42 0.26
CA SER A 177 36.05 1.83 -0.31
C SER A 177 35.92 3.03 -1.26
N PHE A 178 34.99 2.95 -2.21
CA PHE A 178 34.91 3.92 -3.30
C PHE A 178 33.63 4.76 -3.34
N SER A 179 32.74 4.54 -2.37
CA SER A 179 31.43 5.22 -2.29
C SER A 179 30.57 5.02 -3.55
N ARG A 180 30.70 3.82 -4.11
CA ARG A 180 30.10 3.47 -5.40
C ARG A 180 28.77 2.75 -5.19
N TYR A 181 27.69 3.51 -5.10
CA TYR A 181 26.35 2.95 -4.85
C TYR A 181 25.65 2.52 -6.14
N SER A 182 24.82 1.49 -6.01
CA SER A 182 23.99 0.98 -7.08
C SER A 182 22.98 0.03 -6.46
N SER A 183 22.04 -0.48 -7.26
CA SER A 183 21.14 -1.50 -6.76
C SER A 183 21.93 -2.74 -6.34
N LYS A 184 23.06 -2.98 -7.01
CA LYS A 184 23.96 -4.09 -6.65
C LYS A 184 24.59 -3.96 -5.26
N SER A 185 24.82 -2.72 -4.82
CA SER A 185 25.29 -2.50 -3.46
C SER A 185 24.15 -2.72 -2.46
N ASP A 186 22.92 -2.39 -2.86
CA ASP A 186 21.74 -2.78 -2.08
C ASP A 186 21.64 -4.30 -1.96
N VAL A 187 22.03 -5.01 -3.02
CA VAL A 187 22.00 -6.48 -3.03
C VAL A 187 22.93 -7.06 -1.97
N TRP A 188 24.12 -6.46 -1.84
CA TRP A 188 25.04 -6.81 -0.75
C TRP A 188 24.36 -6.62 0.60
N SER A 189 23.78 -5.43 0.78
CA SER A 189 23.04 -5.10 2.00
C SER A 189 21.95 -6.14 2.29
N PHE A 190 21.25 -6.55 1.24
CA PHE A 190 20.20 -7.57 1.34
C PHE A 190 20.75 -8.90 1.83
N GLY A 191 21.94 -9.28 1.36
CA GLY A 191 22.63 -10.49 1.85
C GLY A 191 22.82 -10.46 3.35
N VAL A 192 23.29 -9.32 3.86
CA VAL A 192 23.44 -9.11 5.30
C VAL A 192 22.08 -9.15 6.01
N LEU A 193 21.07 -8.55 5.39
CA LEU A 193 19.69 -8.63 5.91
C LEU A 193 19.23 -10.09 6.02
N MET A 194 19.51 -10.89 5.00
CA MET A 194 19.20 -12.32 5.02
C MET A 194 19.83 -13.01 6.23
N TRP A 195 21.08 -12.66 6.50
CA TRP A 195 21.81 -13.19 7.64
C TRP A 195 21.13 -12.77 8.94
N GLU A 196 20.72 -11.50 9.03
CA GLU A 196 19.98 -11.00 10.18
C GLU A 196 18.70 -11.80 10.40
N VAL A 197 17.99 -12.06 9.31
CA VAL A 197 16.74 -12.81 9.36
C VAL A 197 16.95 -14.25 9.82
N PHE A 198 17.84 -14.97 9.13
CA PHE A 198 18.10 -16.37 9.47
C PHE A 198 18.83 -16.60 10.78
N SER A 199 19.54 -15.58 11.27
CA SER A 199 20.16 -15.63 12.60
C SER A 199 19.18 -15.20 13.70
N GLU A 200 17.96 -14.83 13.30
CA GLU A 200 16.91 -14.37 14.20
C GLU A 200 17.30 -13.11 14.97
N GLY A 201 17.90 -12.15 14.26
CA GLY A 201 18.16 -10.81 14.80
C GLY A 201 19.50 -10.62 15.49
N LYS A 202 20.47 -11.46 15.16
CA LYS A 202 21.83 -11.27 15.69
C LYS A 202 22.51 -10.07 15.03
N ILE A 203 23.55 -9.56 15.70
CA ILE A 203 24.31 -8.44 15.17
C ILE A 203 25.44 -8.94 14.26
N PRO A 204 25.44 -8.52 12.98
CA PRO A 204 26.52 -8.93 12.08
C PRO A 204 27.86 -8.35 12.52
N TYR A 205 28.92 -9.15 12.37
CA TYR A 205 30.29 -8.75 12.76
C TYR A 205 30.34 -8.12 14.15
N GLU A 206 29.72 -8.79 15.12
CA GLU A 206 29.64 -8.26 16.48
C GLU A 206 31.03 -8.04 17.07
N ASN A 207 31.16 -7.00 17.89
CA ASN A 207 32.43 -6.56 18.51
C ASN A 207 33.57 -6.14 17.56
N ARG A 208 33.36 -6.29 16.26
CA ARG A 208 34.34 -5.88 15.25
C ARG A 208 34.23 -4.39 14.95
N SER A 209 35.39 -3.74 14.86
CA SER A 209 35.44 -2.32 14.48
C SER A 209 35.22 -2.17 12.98
N ASN A 210 34.93 -0.95 12.54
CA ASN A 210 34.74 -0.66 11.12
C ASN A 210 35.94 -1.08 10.28
N SER A 211 37.15 -0.74 10.75
CA SER A 211 38.39 -1.07 10.06
C SER A 211 38.62 -2.58 9.99
N GLU A 212 38.20 -3.28 11.05
CA GLU A 212 38.29 -4.74 11.10
C GLU A 212 37.34 -5.40 10.12
N VAL A 213 36.14 -4.84 10.00
CA VAL A 213 35.14 -5.33 9.03
C VAL A 213 35.65 -5.15 7.60
N VAL A 214 36.12 -3.95 7.29
CA VAL A 214 36.68 -3.61 5.97
C VAL A 214 37.79 -4.59 5.56
N GLU A 215 38.80 -4.75 6.41
CA GLU A 215 39.95 -5.59 6.08
C GLU A 215 39.59 -7.07 5.98
N ASP A 216 38.73 -7.56 6.86
CA ASP A 216 38.30 -8.95 6.85
C ASP A 216 37.53 -9.29 5.57
N ILE A 217 36.53 -8.47 5.24
CA ILE A 217 35.73 -8.67 4.03
C ILE A 217 36.58 -8.58 2.77
N SER A 218 37.50 -7.63 2.72
CA SER A 218 38.42 -7.45 1.59
C SER A 218 39.35 -8.66 1.40
N THR A 219 39.69 -9.31 2.51
CA THR A 219 40.51 -10.53 2.50
C THR A 219 39.70 -11.74 2.03
N GLY A 220 38.38 -11.68 2.22
CA GLY A 220 37.49 -12.75 1.77
C GLY A 220 36.57 -13.31 2.84
N PHE A 221 36.69 -12.79 4.05
CA PHE A 221 35.83 -13.20 5.16
C PHE A 221 34.37 -12.90 4.83
N ARG A 222 33.51 -13.86 5.14
CA ARG A 222 32.07 -13.69 5.02
C ARG A 222 31.40 -14.18 6.31
N LEU A 223 30.25 -13.60 6.63
CA LEU A 223 29.46 -14.01 7.79
C LEU A 223 29.17 -15.50 7.75
N TYR A 224 29.27 -16.16 8.90
CA TYR A 224 29.02 -17.60 9.01
C TYR A 224 27.57 -17.96 8.65
N LYS A 225 27.34 -19.22 8.31
CA LYS A 225 26.00 -19.72 8.04
C LYS A 225 25.25 -19.97 9.34
N PRO A 226 24.11 -19.27 9.54
CA PRO A 226 23.29 -19.53 10.72
C PRO A 226 22.61 -20.90 10.61
N ARG A 227 22.32 -21.51 11.75
CA ARG A 227 21.78 -22.87 11.81
C ARG A 227 20.49 -23.04 11.00
N LEU A 228 19.62 -22.02 11.04
CA LEU A 228 18.33 -22.10 10.36
C LEU A 228 18.44 -21.86 8.85
N ALA A 229 19.59 -21.39 8.40
CA ALA A 229 19.85 -21.20 6.97
C ALA A 229 20.41 -22.48 6.36
N SER A 230 19.68 -23.04 5.39
CA SER A 230 20.15 -24.22 4.67
C SER A 230 21.36 -23.89 3.81
N THR A 231 22.05 -24.92 3.33
CA THR A 231 23.16 -24.73 2.39
C THR A 231 22.70 -23.89 1.19
N HIS A 232 21.50 -24.18 0.71
CA HIS A 232 20.91 -23.47 -0.43
C HIS A 232 20.74 -21.97 -0.14
N VAL A 233 20.20 -21.67 1.04
CA VAL A 233 20.02 -20.28 1.48
C VAL A 233 21.37 -19.57 1.61
N TYR A 234 22.35 -20.26 2.19
CA TYR A 234 23.69 -19.71 2.35
C TYR A 234 24.40 -19.45 1.02
N GLN A 235 24.14 -20.32 0.03
CA GLN A 235 24.66 -20.12 -1.32
C GLN A 235 24.18 -18.77 -1.88
N ILE A 236 22.90 -18.47 -1.69
CA ILE A 236 22.32 -17.20 -2.14
C ILE A 236 22.92 -16.01 -1.41
N MET A 237 23.12 -16.13 -0.10
CA MET A 237 23.77 -15.08 0.68
C MET A 237 25.14 -14.76 0.09
N ASN A 238 25.92 -15.80 -0.21
CA ASN A 238 27.26 -15.64 -0.77
C ASN A 238 27.28 -15.04 -2.17
N HIS A 239 26.21 -15.26 -2.93
CA HIS A 239 26.06 -14.64 -4.24
C HIS A 239 25.78 -13.15 -4.11
N CYS A 240 25.05 -12.77 -3.07
CA CYS A 240 24.87 -11.35 -2.73
C CYS A 240 26.17 -10.72 -2.25
N TRP A 241 27.08 -11.56 -1.76
CA TRP A 241 28.34 -11.09 -1.20
C TRP A 241 29.56 -11.25 -2.13
N LYS A 242 29.31 -11.39 -3.43
CA LYS A 242 30.39 -11.43 -4.41
C LYS A 242 31.09 -10.08 -4.43
N GLU A 243 32.43 -10.11 -4.52
CA GLU A 243 33.24 -8.88 -4.43
C GLU A 243 32.86 -7.87 -5.50
N ARG A 244 32.74 -8.34 -6.74
CA ARG A 244 32.34 -7.50 -7.87
C ARG A 244 30.82 -7.41 -7.97
N PRO A 245 30.28 -6.18 -8.05
CA PRO A 245 28.85 -5.93 -8.22
C PRO A 245 28.23 -6.68 -9.41
N GLU A 246 28.97 -6.80 -10.51
CA GLU A 246 28.49 -7.48 -11.71
C GLU A 246 28.29 -8.99 -11.54
N ASP A 247 28.92 -9.57 -10.52
CA ASP A 247 28.75 -10.99 -10.20
C ASP A 247 27.56 -11.24 -9.26
N ARG A 248 27.03 -10.17 -8.67
CA ARG A 248 25.85 -10.26 -7.84
C ARG A 248 24.59 -10.28 -8.70
N PRO A 249 23.57 -11.05 -8.29
CA PRO A 249 22.32 -11.01 -9.05
C PRO A 249 21.58 -9.71 -8.79
N ALA A 250 20.85 -9.22 -9.80
CA ALA A 250 19.92 -8.11 -9.60
C ALA A 250 18.78 -8.61 -8.72
N PHE A 251 18.12 -7.70 -8.01
CA PHE A 251 16.97 -8.08 -7.18
C PHE A 251 15.91 -8.85 -7.97
N SER A 252 15.71 -8.45 -9.22
CA SER A 252 14.75 -9.10 -10.10
C SER A 252 15.06 -10.58 -10.30
N ARG A 253 16.33 -10.93 -10.40
CA ARG A 253 16.73 -12.33 -10.57
C ARG A 253 16.87 -13.04 -9.22
N LEU A 254 17.37 -12.30 -8.23
CA LEU A 254 17.49 -12.78 -6.86
C LEU A 254 16.16 -13.28 -6.33
N LEU A 255 15.10 -12.55 -6.67
CA LEU A 255 13.74 -12.89 -6.28
C LEU A 255 13.37 -14.30 -6.73
N ARG A 256 13.69 -14.63 -7.98
CA ARG A 256 13.38 -15.94 -8.55
C ARG A 256 14.27 -17.05 -7.98
N GLN A 257 15.51 -16.71 -7.64
CA GLN A 257 16.41 -17.66 -6.98
C GLN A 257 15.90 -18.03 -5.58
N LEU A 258 15.43 -17.03 -4.85
CA LEU A 258 14.86 -17.24 -3.52
C LEU A 258 13.57 -18.06 -3.61
N ALA A 259 12.72 -17.74 -4.59
CA ALA A 259 11.46 -18.44 -4.79
C ALA A 259 11.67 -19.91 -5.18
N ALA A 260 12.69 -20.15 -6.00
CA ALA A 260 13.03 -21.51 -6.44
C ALA A 260 13.40 -22.42 -5.28
N ILE A 261 14.14 -21.89 -4.31
CA ILE A 261 14.53 -22.66 -3.12
C ILE A 261 13.32 -23.02 -2.28
N ALA A 262 12.39 -22.07 -2.13
CA ALA A 262 11.13 -22.31 -1.44
C ALA A 262 10.33 -23.43 -2.09
N ALA A 263 10.27 -23.41 -3.43
CA ALA A 263 9.52 -24.40 -4.20
C ALA A 263 10.16 -25.79 -4.22
N SER A 264 11.48 -25.83 -4.06
CA SER A 264 12.24 -27.08 -4.10
C SER A 264 12.01 -27.97 -2.87
N GLY A 265 11.68 -27.35 -1.75
CA GLY A 265 11.42 -28.08 -0.50
C GLY A 265 12.67 -28.17 0.37
N GLY B 1 7.13 -0.32 -12.66
CA GLY B 1 6.86 -1.48 -11.75
C GLY B 1 7.51 -2.76 -12.24
N SER B 2 7.32 -3.83 -11.46
CA SER B 2 7.96 -5.12 -11.76
C SER B 2 7.24 -5.92 -12.84
N VAL B 3 8.03 -6.51 -13.73
CA VAL B 3 7.52 -7.42 -14.75
C VAL B 3 7.39 -8.81 -14.13
N ILE B 4 6.25 -9.45 -14.36
CA ILE B 4 5.99 -10.78 -13.82
C ILE B 4 5.90 -11.80 -14.96
N ASP B 5 6.64 -12.89 -14.83
CA ASP B 5 6.68 -13.96 -15.81
C ASP B 5 5.44 -14.84 -15.70
N PRO B 6 4.85 -15.25 -16.84
CA PRO B 6 3.67 -16.11 -16.82
C PRO B 6 3.84 -17.37 -15.97
N SER B 7 5.04 -17.93 -15.96
CA SER B 7 5.35 -19.15 -15.21
C SER B 7 5.27 -18.96 -13.70
N GLU B 8 5.29 -17.70 -13.27
CA GLU B 8 5.31 -17.37 -11.83
C GLU B 8 3.90 -17.22 -11.27
N LEU B 9 2.90 -17.34 -12.14
CA LEU B 9 1.50 -17.17 -11.73
C LEU B 9 0.74 -18.49 -11.73
N THR B 10 0.00 -18.72 -10.63
CA THR B 10 -0.89 -19.86 -10.50
C THR B 10 -2.32 -19.33 -10.51
N PHE B 11 -3.12 -19.81 -11.46
CA PHE B 11 -4.52 -19.42 -11.55
C PHE B 11 -5.37 -20.47 -10.85
N VAL B 12 -6.05 -20.06 -9.77
CA VAL B 12 -6.79 -21.01 -8.94
C VAL B 12 -8.27 -21.07 -9.33
N GLN B 13 -8.97 -19.95 -9.19
CA GLN B 13 -10.39 -19.88 -9.56
C GLN B 13 -10.80 -18.51 -10.06
N GLU B 14 -11.76 -18.49 -10.98
CA GLU B 14 -12.32 -17.24 -11.50
C GLU B 14 -13.28 -16.65 -10.46
N ILE B 15 -13.02 -15.41 -10.08
CA ILE B 15 -13.83 -14.72 -9.06
C ILE B 15 -14.61 -13.52 -9.61
N GLY B 16 -14.25 -13.08 -10.81
CA GLY B 16 -14.88 -11.92 -11.44
C GLY B 16 -14.89 -11.95 -12.95
N SER B 17 -15.94 -11.37 -13.54
CA SER B 17 -16.09 -11.29 -14.99
C SER B 17 -16.67 -9.94 -15.39
N GLY B 18 -16.07 -9.30 -16.39
CA GLY B 18 -16.50 -7.98 -16.85
C GLY B 18 -16.57 -7.85 -18.36
N GLY B 21 -12.45 -8.34 -19.42
CA GLY B 21 -11.77 -8.23 -18.14
C GLY B 21 -12.22 -9.23 -17.11
N LEU B 22 -11.46 -10.32 -16.99
CA LEU B 22 -11.74 -11.36 -15.99
C LEU B 22 -10.82 -11.22 -14.79
N VAL B 23 -11.29 -11.66 -13.62
CA VAL B 23 -10.49 -11.64 -12.40
C VAL B 23 -10.37 -13.06 -11.82
N HIS B 24 -9.13 -13.46 -11.53
CA HIS B 24 -8.85 -14.78 -10.98
C HIS B 24 -8.16 -14.68 -9.63
N LEU B 25 -8.58 -15.53 -8.70
CA LEU B 25 -7.82 -15.78 -7.49
C LEU B 25 -6.60 -16.61 -7.90
N GLY B 26 -5.44 -16.26 -7.37
CA GLY B 26 -4.22 -16.98 -7.71
C GLY B 26 -3.06 -16.71 -6.78
N TYR B 27 -1.88 -17.20 -7.17
CA TYR B 27 -0.66 -17.00 -6.40
C TYR B 27 0.51 -16.58 -7.28
N TRP B 28 1.37 -15.73 -6.73
CA TRP B 28 2.61 -15.36 -7.39
C TRP B 28 3.78 -15.99 -6.65
N LEU B 29 4.64 -16.68 -7.40
CA LEU B 29 5.83 -17.36 -6.85
C LEU B 29 5.49 -18.37 -5.74
N ASN B 30 4.34 -19.01 -5.89
CA ASN B 30 3.83 -19.98 -4.89
C ASN B 30 3.78 -19.40 -3.48
N LYS B 31 3.60 -18.09 -3.37
CA LYS B 31 3.70 -17.40 -2.10
C LYS B 31 2.57 -16.41 -1.86
N ASP B 32 2.57 -15.31 -2.60
CA ASP B 32 1.63 -14.22 -2.38
C ASP B 32 0.29 -14.51 -3.02
N LYS B 33 -0.78 -14.41 -2.23
CA LYS B 33 -2.14 -14.52 -2.74
C LYS B 33 -2.44 -13.26 -3.55
N VAL B 34 -2.91 -13.45 -4.77
CA VAL B 34 -3.12 -12.32 -5.69
C VAL B 34 -4.46 -12.38 -6.43
N ALA B 35 -4.93 -11.22 -6.84
CA ALA B 35 -6.04 -11.11 -7.78
C ALA B 35 -5.44 -10.75 -9.14
N ILE B 36 -5.69 -11.60 -10.12
CA ILE B 36 -5.15 -11.42 -11.45
C ILE B 36 -6.24 -10.96 -12.40
N LYS B 37 -6.05 -9.78 -12.98
CA LYS B 37 -7.00 -9.23 -13.94
C LYS B 37 -6.48 -9.38 -15.36
N THR B 38 -7.15 -10.24 -16.13
CA THR B 38 -6.76 -10.51 -17.51
C THR B 38 -7.59 -9.65 -18.47
N ILE B 39 -6.92 -9.07 -19.47
CA ILE B 39 -7.57 -8.20 -20.45
C ILE B 39 -8.64 -8.93 -21.27
N SER B 45 -8.02 -2.34 -25.65
CA SER B 45 -6.69 -1.85 -26.03
C SER B 45 -5.64 -2.29 -25.03
N GLU B 46 -4.55 -2.87 -25.53
CA GLU B 46 -3.45 -3.34 -24.68
C GLU B 46 -2.66 -2.18 -24.06
N GLU B 47 -2.35 -1.17 -24.87
CA GLU B 47 -1.61 0.01 -24.37
C GLU B 47 -2.38 0.78 -23.30
N ASP B 48 -3.70 0.84 -23.42
CA ASP B 48 -4.56 1.45 -22.41
C ASP B 48 -4.60 0.63 -21.13
N PHE B 49 -4.67 -0.69 -21.29
CA PHE B 49 -4.66 -1.65 -20.18
C PHE B 49 -3.40 -1.51 -19.34
N ILE B 50 -2.25 -1.41 -20.01
CA ILE B 50 -0.93 -1.26 -19.37
C ILE B 50 -0.79 0.10 -18.71
N GLU B 51 -1.18 1.16 -19.43
CA GLU B 51 -1.07 2.53 -18.92
C GLU B 51 -1.82 2.72 -17.61
N GLU B 52 -3.01 2.12 -17.53
CA GLU B 52 -3.82 2.14 -16.31
C GLU B 52 -3.03 1.59 -15.12
N ALA B 53 -2.31 0.49 -15.34
CA ALA B 53 -1.47 -0.14 -14.32
C ALA B 53 -0.27 0.74 -13.95
N GLU B 54 0.33 1.36 -14.95
CA GLU B 54 1.48 2.25 -14.76
C GLU B 54 1.12 3.46 -13.91
N VAL B 55 -0.06 4.02 -14.14
CA VAL B 55 -0.56 5.14 -13.35
C VAL B 55 -0.74 4.71 -11.90
N MET B 56 -1.40 3.56 -11.71
CA MET B 56 -1.71 3.04 -10.37
C MET B 56 -0.48 2.69 -9.54
N MET B 57 0.58 2.21 -10.20
CA MET B 57 1.80 1.80 -9.50
C MET B 57 2.62 2.97 -8.95
N LYS B 58 2.24 4.19 -9.34
CA LYS B 58 2.91 5.40 -8.86
C LYS B 58 2.02 6.24 -7.93
N LEU B 59 0.92 5.63 -7.49
CA LEU B 59 0.00 6.29 -6.56
C LEU B 59 -0.11 5.44 -5.28
N SER B 60 0.64 5.83 -4.26
CA SER B 60 0.79 5.04 -3.04
C SER B 60 0.04 5.65 -1.85
N HIS B 61 -1.06 5.02 -1.48
CA HIS B 61 -1.85 5.45 -0.34
C HIS B 61 -2.49 4.22 0.32
N PRO B 62 -2.59 4.21 1.66
CA PRO B 62 -3.14 3.03 2.36
C PRO B 62 -4.56 2.63 1.94
N LYS B 63 -5.31 3.54 1.33
CA LYS B 63 -6.69 3.26 0.95
C LYS B 63 -6.88 3.21 -0.57
N LEU B 64 -5.78 2.92 -1.27
CA LEU B 64 -5.79 2.71 -2.71
C LEU B 64 -5.14 1.36 -3.00
N VAL B 65 -5.83 0.52 -3.76
CA VAL B 65 -5.34 -0.83 -4.05
C VAL B 65 -3.99 -0.81 -4.77
N GLN B 66 -3.18 -1.84 -4.51
CA GLN B 66 -1.83 -1.96 -5.02
C GLN B 66 -1.63 -3.16 -5.95
N LEU B 67 -0.64 -3.04 -6.82
CA LEU B 67 -0.27 -4.11 -7.75
C LEU B 67 1.07 -4.71 -7.37
N TYR B 68 1.23 -6.01 -7.61
CA TYR B 68 2.55 -6.64 -7.55
C TYR B 68 3.30 -6.41 -8.86
N GLY B 69 2.57 -6.27 -9.95
CA GLY B 69 3.17 -6.00 -11.25
C GLY B 69 2.30 -6.34 -12.43
N VAL B 70 2.93 -6.40 -13.60
CA VAL B 70 2.24 -6.64 -14.85
C VAL B 70 2.87 -7.84 -15.57
N CYS B 71 2.01 -8.65 -16.19
CA CYS B 71 2.46 -9.80 -16.96
C CYS B 71 2.13 -9.59 -18.44
N LEU B 72 3.14 -9.23 -19.22
CA LEU B 72 2.94 -8.83 -20.61
C LEU B 72 3.39 -9.87 -21.63
N GLU B 73 4.17 -10.84 -21.18
CA GLU B 73 4.89 -11.76 -22.08
C GLU B 73 3.97 -12.61 -22.96
N GLN B 74 2.76 -12.89 -22.49
CA GLN B 74 1.85 -13.71 -23.27
C GLN B 74 0.39 -13.29 -23.19
N ALA B 75 -0.27 -13.30 -24.34
CA ALA B 75 -1.69 -12.96 -24.45
C ALA B 75 -2.56 -14.09 -23.91
N PRO B 76 -3.64 -13.75 -23.19
CA PRO B 76 -4.04 -12.37 -22.86
C PRO B 76 -3.21 -11.80 -21.70
N ILE B 77 -2.69 -10.59 -21.89
CA ILE B 77 -1.86 -9.94 -20.87
C ILE B 77 -2.68 -9.65 -19.60
N CYS B 78 -2.02 -9.62 -18.45
CA CYS B 78 -2.73 -9.47 -17.19
C CYS B 78 -2.05 -8.55 -16.16
N LEU B 79 -2.85 -8.05 -15.23
CA LEU B 79 -2.38 -7.26 -14.11
C LEU B 79 -2.43 -8.09 -12.84
N VAL B 80 -1.39 -7.98 -12.02
CA VAL B 80 -1.32 -8.76 -10.78
C VAL B 80 -1.50 -7.83 -9.57
N PHE B 81 -2.66 -7.94 -8.93
CA PHE B 81 -3.02 -7.08 -7.79
C PHE B 81 -2.87 -7.83 -6.48
N GLU B 82 -2.77 -7.08 -5.38
CA GLU B 82 -2.92 -7.65 -4.05
C GLU B 82 -4.32 -8.26 -3.92
N PHE B 83 -4.43 -9.33 -3.13
CA PHE B 83 -5.70 -9.97 -2.89
C PHE B 83 -6.45 -9.24 -1.77
N MET B 84 -7.72 -8.96 -2.02
CA MET B 84 -8.58 -8.32 -1.02
C MET B 84 -9.63 -9.34 -0.58
N GLU B 85 -9.44 -9.86 0.62
CA GLU B 85 -10.16 -11.06 1.08
C GLU B 85 -11.68 -11.02 1.02
N HIS B 86 -12.27 -9.84 1.20
CA HIS B 86 -13.73 -9.71 1.22
C HIS B 86 -14.33 -9.21 -0.11
N GLY B 87 -13.48 -9.08 -1.13
CA GLY B 87 -13.93 -8.76 -2.49
C GLY B 87 -14.48 -7.37 -2.67
N CYS B 88 -15.41 -7.22 -3.60
CA CYS B 88 -16.02 -5.93 -3.93
C CYS B 88 -16.91 -5.43 -2.81
N LEU B 89 -16.80 -4.16 -2.48
CA LEU B 89 -17.61 -3.56 -1.41
C LEU B 89 -19.11 -3.76 -1.65
N SER B 90 -19.56 -3.58 -2.88
CA SER B 90 -20.97 -3.79 -3.22
C SER B 90 -21.45 -5.18 -2.84
N ASP B 91 -20.67 -6.20 -3.20
CA ASP B 91 -21.00 -7.59 -2.89
C ASP B 91 -20.94 -7.87 -1.38
N TYR B 92 -19.90 -7.36 -0.74
CA TYR B 92 -19.70 -7.53 0.70
C TYR B 92 -20.86 -6.94 1.52
N LEU B 93 -21.30 -5.74 1.14
CA LEU B 93 -22.44 -5.10 1.81
C LEU B 93 -23.71 -5.93 1.69
N ARG B 94 -23.93 -6.50 0.51
CA ARG B 94 -25.14 -7.27 0.24
C ARG B 94 -25.16 -8.62 0.95
N THR B 95 -24.02 -9.30 0.97
CA THR B 95 -23.94 -10.62 1.59
C THR B 95 -23.98 -10.56 3.12
N GLN B 96 -23.38 -9.51 3.69
CA GLN B 96 -23.30 -9.36 5.14
C GLN B 96 -24.37 -8.39 5.68
N ARG B 97 -25.29 -7.98 4.81
CA ARG B 97 -26.38 -7.06 5.16
C ARG B 97 -27.06 -7.44 6.48
N GLY B 98 -27.21 -6.47 7.37
CA GLY B 98 -27.83 -6.68 8.67
C GLY B 98 -26.85 -6.92 9.80
N LEU B 99 -25.58 -7.11 9.46
CA LEU B 99 -24.54 -7.39 10.46
C LEU B 99 -23.63 -6.19 10.75
N PHE B 100 -23.73 -5.15 9.94
CA PHE B 100 -22.87 -3.97 10.09
C PHE B 100 -23.38 -2.99 11.16
N ALA B 101 -22.46 -2.54 12.02
CA ALA B 101 -22.74 -1.41 12.90
C ALA B 101 -22.57 -0.10 12.12
N ALA B 102 -23.35 0.91 12.49
CA ALA B 102 -23.28 2.23 11.85
C ALA B 102 -21.86 2.82 11.87
N GLU B 103 -21.12 2.56 12.95
CA GLU B 103 -19.74 3.05 13.10
C GLU B 103 -18.82 2.40 12.07
N THR B 104 -19.07 1.12 11.78
CA THR B 104 -18.32 0.40 10.76
C THR B 104 -18.59 1.01 9.38
N LEU B 105 -19.86 1.30 9.13
CA LEU B 105 -20.28 1.86 7.85
C LEU B 105 -19.66 3.24 7.62
N LEU B 106 -19.62 4.06 8.68
CA LEU B 106 -18.98 5.37 8.60
C LEU B 106 -17.48 5.23 8.32
N GLY B 107 -16.83 4.27 9.01
CA GLY B 107 -15.42 4.00 8.81
C GLY B 107 -15.08 3.63 7.36
N MET B 108 -15.98 2.87 6.74
CA MET B 108 -15.85 2.51 5.33
C MET B 108 -15.85 3.76 4.45
N CYS B 109 -16.78 4.67 4.74
CA CYS B 109 -16.88 5.94 4.01
C CYS B 109 -15.61 6.77 4.22
N LEU B 110 -15.09 6.77 5.44
CA LEU B 110 -13.84 7.47 5.75
C LEU B 110 -12.64 6.93 4.95
N ASP B 111 -12.49 5.60 4.93
CA ASP B 111 -11.44 4.96 4.12
C ASP B 111 -11.48 5.43 2.67
N VAL B 112 -12.65 5.32 2.04
CA VAL B 112 -12.82 5.73 0.65
C VAL B 112 -12.50 7.22 0.47
N CYS B 113 -12.98 8.05 1.39
CA CYS B 113 -12.74 9.49 1.32
C CYS B 113 -11.26 9.83 1.44
N GLU B 114 -10.53 9.07 2.25
CA GLU B 114 -9.09 9.27 2.40
C GLU B 114 -8.36 9.01 1.08
N GLY B 115 -8.68 7.89 0.45
CA GLY B 115 -8.10 7.53 -0.86
C GLY B 115 -8.45 8.58 -1.91
N MET B 116 -9.69 9.02 -1.91
CA MET B 116 -10.15 10.03 -2.87
C MET B 116 -9.51 11.39 -2.67
N ALA B 117 -9.28 11.79 -1.41
CA ALA B 117 -8.55 13.03 -1.13
C ALA B 117 -7.14 12.99 -1.72
N TYR B 118 -6.48 11.84 -1.61
CA TYR B 118 -5.15 11.65 -2.19
C TYR B 118 -5.20 11.75 -3.72
N LEU B 119 -6.20 11.11 -4.34
CA LEU B 119 -6.36 11.17 -5.79
C LEU B 119 -6.69 12.59 -6.26
N GLU B 120 -7.60 13.24 -5.56
CA GLU B 120 -7.96 14.62 -5.80
C GLU B 120 -6.74 15.54 -5.83
N GLU B 121 -5.85 15.39 -4.84
CA GLU B 121 -4.60 16.17 -4.77
C GLU B 121 -3.71 15.89 -5.97
N ALA B 122 -3.74 14.65 -6.46
CA ALA B 122 -2.94 14.23 -7.62
C ALA B 122 -3.62 14.56 -8.97
N SER B 123 -4.75 15.25 -8.90
CA SER B 123 -5.56 15.62 -10.08
C SER B 123 -6.05 14.41 -10.86
N VAL B 124 -6.34 13.32 -10.13
CA VAL B 124 -6.85 12.09 -10.74
C VAL B 124 -8.36 12.06 -10.55
N ILE B 125 -9.09 12.05 -11.67
CA ILE B 125 -10.54 11.94 -11.67
C ILE B 125 -10.92 10.48 -11.88
N HIS B 126 -11.70 9.93 -10.95
CA HIS B 126 -12.05 8.51 -10.98
C HIS B 126 -13.05 8.18 -12.09
N ARG B 127 -14.15 8.94 -12.13
CA ARG B 127 -15.23 8.81 -13.14
C ARG B 127 -16.23 7.69 -12.90
N ASP B 128 -15.93 6.75 -12.01
CA ASP B 128 -16.80 5.61 -11.77
C ASP B 128 -16.76 5.20 -10.29
N LEU B 129 -16.85 6.20 -9.41
CA LEU B 129 -16.74 5.95 -7.99
C LEU B 129 -18.04 5.40 -7.40
N ALA B 130 -18.11 4.07 -7.33
CA ALA B 130 -19.25 3.36 -6.78
C ALA B 130 -18.74 2.23 -5.90
N ALA B 131 -19.62 1.68 -5.06
CA ALA B 131 -19.25 0.58 -4.17
C ALA B 131 -18.61 -0.60 -4.91
N ARG B 132 -19.07 -0.86 -6.13
CA ARG B 132 -18.56 -1.99 -6.91
C ARG B 132 -17.10 -1.80 -7.34
N ASN B 133 -16.64 -0.56 -7.28
CA ASN B 133 -15.24 -0.23 -7.60
C ASN B 133 -14.38 0.05 -6.36
N CYS B 134 -14.86 -0.43 -5.22
CA CYS B 134 -14.06 -0.44 -4.00
C CYS B 134 -13.90 -1.89 -3.55
N LEU B 135 -12.81 -2.14 -2.83
CA LEU B 135 -12.50 -3.49 -2.35
C LEU B 135 -12.33 -3.52 -0.84
N VAL B 136 -12.60 -4.70 -0.26
CA VAL B 136 -12.60 -4.88 1.19
C VAL B 136 -11.54 -5.91 1.55
N GLY B 137 -10.57 -5.49 2.36
CA GLY B 137 -9.46 -6.34 2.71
C GLY B 137 -9.44 -6.74 4.17
N GLU B 138 -8.21 -6.84 4.70
CA GLU B 138 -7.96 -7.28 6.06
C GLU B 138 -8.53 -6.27 7.04
N ASN B 139 -9.23 -6.79 8.06
CA ASN B 139 -9.91 -5.98 9.07
C ASN B 139 -10.90 -4.97 8.48
N GLN B 140 -11.50 -5.35 7.35
CA GLN B 140 -12.54 -4.57 6.67
C GLN B 140 -12.09 -3.19 6.17
N VAL B 141 -10.78 -3.02 5.96
CA VAL B 141 -10.25 -1.80 5.36
C VAL B 141 -10.77 -1.70 3.93
N ILE B 142 -11.21 -0.50 3.54
CA ILE B 142 -11.69 -0.30 2.17
C ILE B 142 -10.62 0.40 1.35
N LYS B 143 -10.36 -0.16 0.17
CA LYS B 143 -9.47 0.48 -0.79
C LYS B 143 -10.22 0.81 -2.07
N VAL B 144 -9.93 1.97 -2.64
CA VAL B 144 -10.50 2.36 -3.92
C VAL B 144 -9.76 1.60 -5.02
N SER B 145 -10.51 1.11 -6.00
CA SER B 145 -9.95 0.41 -7.15
C SER B 145 -10.28 1.14 -8.45
N ASP B 146 -9.63 0.73 -9.54
CA ASP B 146 -9.93 1.21 -10.89
C ASP B 146 -9.80 2.73 -11.05
N PHE B 147 -8.71 3.28 -10.51
CA PHE B 147 -8.46 4.72 -10.54
C PHE B 147 -7.34 5.14 -11.52
N GLY B 148 -6.90 4.20 -12.36
CA GLY B 148 -5.82 4.48 -13.31
C GLY B 148 -6.29 5.04 -14.64
N PRO B 167 -23.09 5.43 -15.86
CA PRO B 167 -24.11 5.15 -14.83
C PRO B 167 -24.74 6.43 -14.29
N VAL B 168 -25.96 6.72 -14.75
CA VAL B 168 -26.68 7.95 -14.39
C VAL B 168 -27.03 8.03 -12.89
N LYS B 169 -27.18 6.88 -12.25
CA LYS B 169 -27.51 6.82 -10.82
C LYS B 169 -26.41 7.43 -9.96
N TRP B 170 -25.18 7.45 -10.47
CA TRP B 170 -24.04 8.03 -9.77
C TRP B 170 -23.59 9.37 -10.38
N ALA B 171 -24.34 9.84 -11.39
CA ALA B 171 -23.97 11.03 -12.14
C ALA B 171 -24.48 12.34 -11.54
N SER B 172 -23.57 13.30 -11.38
CA SER B 172 -23.95 14.67 -11.03
C SER B 172 -24.66 15.31 -12.22
N PRO B 173 -25.44 16.39 -11.98
CA PRO B 173 -26.13 17.06 -13.09
C PRO B 173 -25.24 17.45 -14.26
N GLU B 174 -24.06 18.03 -13.97
CA GLU B 174 -23.15 18.43 -15.04
C GLU B 174 -22.55 17.23 -15.79
N VAL B 175 -22.53 16.07 -15.16
CA VAL B 175 -22.15 14.84 -15.85
C VAL B 175 -23.28 14.35 -16.78
N PHE B 176 -24.51 14.23 -16.27
CA PHE B 176 -25.58 13.70 -17.12
C PHE B 176 -26.05 14.66 -18.21
N SER B 177 -25.78 15.95 -18.02
CA SER B 177 -26.15 16.98 -18.99
C SER B 177 -25.02 17.37 -19.95
N PHE B 178 -23.80 17.47 -19.43
CA PHE B 178 -22.67 17.99 -20.23
C PHE B 178 -21.44 17.09 -20.29
N SER B 179 -21.53 15.89 -19.71
CA SER B 179 -20.39 14.97 -19.61
C SER B 179 -19.15 15.66 -19.00
N ARG B 180 -19.39 16.53 -18.03
CA ARG B 180 -18.35 17.33 -17.38
C ARG B 180 -17.80 16.62 -16.13
N TYR B 181 -16.66 15.97 -16.28
CA TYR B 181 -16.05 15.24 -15.17
C TYR B 181 -14.99 16.06 -14.44
N SER B 182 -15.01 15.96 -13.10
CA SER B 182 -14.05 16.63 -12.24
C SER B 182 -14.02 15.89 -10.90
N SER B 183 -13.13 16.31 -10.00
CA SER B 183 -13.16 15.78 -8.64
C SER B 183 -14.51 16.09 -7.97
N LYS B 184 -15.15 17.19 -8.38
CA LYS B 184 -16.47 17.54 -7.84
C LYS B 184 -17.59 16.60 -8.31
N SER B 185 -17.46 16.05 -9.51
CA SER B 185 -18.41 15.01 -9.94
C SER B 185 -18.10 13.69 -9.24
N ASP B 186 -16.83 13.46 -8.92
CA ASP B 186 -16.45 12.33 -8.07
C ASP B 186 -17.10 12.46 -6.68
N VAL B 187 -17.15 13.70 -6.16
CA VAL B 187 -17.75 13.98 -4.86
C VAL B 187 -19.23 13.61 -4.85
N TRP B 188 -19.95 14.01 -5.91
CA TRP B 188 -21.35 13.60 -6.06
C TRP B 188 -21.47 12.07 -6.03
N SER B 189 -20.65 11.40 -6.84
CA SER B 189 -20.62 9.95 -6.90
C SER B 189 -20.36 9.34 -5.52
N PHE B 190 -19.42 9.95 -4.80
CA PHE B 190 -19.12 9.54 -3.43
C PHE B 190 -20.34 9.64 -2.51
N GLY B 191 -21.14 10.69 -2.69
CA GLY B 191 -22.40 10.82 -1.96
C GLY B 191 -23.31 9.61 -2.18
N VAL B 192 -23.41 9.19 -3.44
CA VAL B 192 -24.18 7.98 -3.79
C VAL B 192 -23.53 6.73 -3.18
N LEU B 193 -22.20 6.65 -3.24
CA LEU B 193 -21.45 5.57 -2.58
C LEU B 193 -21.79 5.49 -1.09
N MET B 194 -21.80 6.64 -0.42
CA MET B 194 -22.18 6.72 0.99
C MET B 194 -23.56 6.10 1.21
N TRP B 195 -24.48 6.45 0.32
CA TRP B 195 -25.83 5.89 0.37
C TRP B 195 -25.81 4.37 0.19
N GLU B 196 -25.04 3.89 -0.79
CA GLU B 196 -24.84 2.45 -0.98
C GLU B 196 -24.36 1.77 0.31
N VAL B 197 -23.37 2.37 0.95
CA VAL B 197 -22.78 1.82 2.17
C VAL B 197 -23.82 1.78 3.30
N PHE B 198 -24.43 2.92 3.59
CA PHE B 198 -25.41 3.00 4.67
C PHE B 198 -26.71 2.24 4.40
N SER B 199 -27.00 1.98 3.13
CA SER B 199 -28.14 1.14 2.75
C SER B 199 -27.74 -0.34 2.64
N GLU B 200 -26.49 -0.63 2.96
CA GLU B 200 -25.95 -2.00 2.92
C GLU B 200 -26.12 -2.66 1.54
N GLY B 201 -25.75 -1.92 0.50
CA GLY B 201 -25.68 -2.47 -0.85
C GLY B 201 -26.95 -2.41 -1.68
N LYS B 202 -27.92 -1.62 -1.23
CA LYS B 202 -29.14 -1.41 -2.02
C LYS B 202 -28.82 -0.63 -3.29
N ILE B 203 -29.65 -0.83 -4.32
CA ILE B 203 -29.48 -0.12 -5.58
C ILE B 203 -30.09 1.28 -5.46
N PRO B 204 -29.29 2.33 -5.74
CA PRO B 204 -29.87 3.68 -5.70
C PRO B 204 -30.89 3.87 -6.82
N TYR B 205 -31.96 4.61 -6.52
CA TYR B 205 -33.04 4.91 -7.48
C TYR B 205 -33.58 3.63 -8.13
N GLU B 206 -33.82 2.61 -7.30
CA GLU B 206 -34.10 1.25 -7.77
C GLU B 206 -35.31 1.11 -8.72
N ASN B 207 -36.41 1.77 -8.37
CA ASN B 207 -37.63 1.68 -9.18
C ASN B 207 -37.81 2.90 -10.10
N ARG B 208 -36.69 3.37 -10.67
CA ARG B 208 -36.70 4.58 -11.50
C ARG B 208 -35.92 4.43 -12.80
N SER B 209 -36.48 4.97 -13.87
CA SER B 209 -35.82 5.02 -15.17
C SER B 209 -34.77 6.12 -15.18
N ASN B 210 -33.88 6.08 -16.18
CA ASN B 210 -32.87 7.14 -16.34
C ASN B 210 -33.51 8.53 -16.44
N SER B 211 -34.58 8.64 -17.24
CA SER B 211 -35.29 9.90 -17.40
C SER B 211 -35.92 10.39 -16.09
N GLU B 212 -36.44 9.45 -15.29
CA GLU B 212 -37.03 9.79 -14.00
C GLU B 212 -35.99 10.32 -13.00
N VAL B 213 -34.81 9.68 -13.00
CA VAL B 213 -33.69 10.13 -12.17
C VAL B 213 -33.27 11.55 -12.53
N VAL B 214 -33.08 11.79 -13.84
CA VAL B 214 -32.72 13.11 -14.34
C VAL B 214 -33.77 14.13 -13.89
N GLU B 215 -35.04 13.80 -14.09
CA GLU B 215 -36.14 14.68 -13.68
C GLU B 215 -36.09 14.99 -12.19
N ASP B 216 -36.04 13.96 -11.35
CA ASP B 216 -36.07 14.12 -9.90
C ASP B 216 -34.88 14.92 -9.35
N ILE B 217 -33.68 14.59 -9.83
CA ILE B 217 -32.48 15.33 -9.44
C ILE B 217 -32.55 16.80 -9.86
N SER B 218 -33.02 17.05 -11.09
CA SER B 218 -33.15 18.41 -11.63
C SER B 218 -34.21 19.25 -10.91
N THR B 219 -35.13 18.58 -10.22
CA THR B 219 -36.16 19.26 -9.43
C THR B 219 -35.69 19.55 -8.00
N GLY B 220 -34.53 19.00 -7.64
CA GLY B 220 -33.95 19.23 -6.33
C GLY B 220 -34.14 18.12 -5.32
N PHE B 221 -34.78 17.03 -5.75
CA PHE B 221 -35.01 15.87 -4.89
C PHE B 221 -33.79 14.95 -4.84
N ARG B 222 -33.63 14.27 -3.71
CA ARG B 222 -32.45 13.44 -3.46
C ARG B 222 -32.84 12.07 -2.91
N LEU B 223 -31.86 11.15 -2.88
CA LEU B 223 -32.04 9.84 -2.26
C LEU B 223 -32.44 9.99 -0.79
N TYR B 224 -33.43 9.19 -0.37
CA TYR B 224 -33.88 9.20 1.02
C TYR B 224 -32.77 8.78 1.98
N LYS B 225 -32.88 9.23 3.23
CA LYS B 225 -31.93 8.84 4.27
C LYS B 225 -32.10 7.38 4.67
N PRO B 226 -31.05 6.57 4.49
CA PRO B 226 -31.10 5.19 4.97
C PRO B 226 -31.31 5.15 6.49
N ARG B 227 -32.01 4.12 6.97
CA ARG B 227 -32.28 3.96 8.41
C ARG B 227 -31.01 4.03 9.24
N LEU B 228 -29.94 3.42 8.74
CA LEU B 228 -28.69 3.30 9.50
C LEU B 228 -27.82 4.54 9.47
N ALA B 229 -28.19 5.52 8.63
CA ALA B 229 -27.48 6.78 8.55
C ALA B 229 -28.13 7.81 9.46
N SER B 230 -27.32 8.42 10.34
CA SER B 230 -27.81 9.49 11.21
C SER B 230 -28.15 10.71 10.35
N THR B 231 -28.85 11.68 10.94
CA THR B 231 -29.12 12.93 10.25
C THR B 231 -27.80 13.65 9.93
N HIS B 232 -26.80 13.47 10.79
CA HIS B 232 -25.48 14.05 10.60
C HIS B 232 -24.81 13.48 9.34
N VAL B 233 -24.90 12.16 9.18
CA VAL B 233 -24.40 11.50 7.97
C VAL B 233 -25.19 11.98 6.74
N TYR B 234 -26.51 12.11 6.88
CA TYR B 234 -27.36 12.53 5.78
C TYR B 234 -27.05 13.97 5.32
N GLN B 235 -26.73 14.83 6.27
CA GLN B 235 -26.28 16.19 5.95
C GLN B 235 -25.05 16.17 5.03
N ILE B 236 -24.10 15.30 5.35
CA ILE B 236 -22.88 15.16 4.54
C ILE B 236 -23.19 14.62 3.13
N MET B 237 -24.11 13.67 3.04
CA MET B 237 -24.55 13.15 1.74
C MET B 237 -25.11 14.30 0.89
N ASN B 238 -25.94 15.13 1.51
CA ASN B 238 -26.55 16.27 0.81
C ASN B 238 -25.54 17.35 0.42
N HIS B 239 -24.45 17.48 1.19
CA HIS B 239 -23.34 18.33 0.80
C HIS B 239 -22.74 17.86 -0.53
N CYS B 240 -22.60 16.54 -0.67
CA CYS B 240 -22.07 15.94 -1.90
C CYS B 240 -23.03 16.13 -3.09
N TRP B 241 -24.32 16.27 -2.79
CA TRP B 241 -25.34 16.37 -3.83
C TRP B 241 -25.83 17.79 -4.10
N LYS B 242 -24.99 18.79 -3.89
CA LYS B 242 -25.32 20.15 -4.29
C LYS B 242 -25.35 20.22 -5.82
N GLU B 243 -26.38 20.89 -6.35
CA GLU B 243 -26.58 20.98 -7.81
C GLU B 243 -25.33 21.50 -8.54
N ARG B 244 -24.72 22.54 -7.97
CA ARG B 244 -23.52 23.15 -8.54
C ARG B 244 -22.26 22.50 -7.96
N PRO B 245 -21.28 22.15 -8.83
CA PRO B 245 -20.03 21.53 -8.41
C PRO B 245 -19.27 22.39 -7.41
N GLU B 246 -19.33 23.70 -7.61
CA GLU B 246 -18.64 24.67 -6.75
C GLU B 246 -19.21 24.73 -5.32
N ASP B 247 -20.42 24.23 -5.14
CA ASP B 247 -21.07 24.19 -3.82
C ASP B 247 -20.83 22.88 -3.06
N ARG B 248 -20.24 21.91 -3.74
CA ARG B 248 -19.85 20.65 -3.10
C ARG B 248 -18.47 20.82 -2.48
N PRO B 249 -18.23 20.20 -1.31
CA PRO B 249 -16.91 20.27 -0.71
C PRO B 249 -15.91 19.39 -1.46
N ALA B 250 -14.64 19.80 -1.48
CA ALA B 250 -13.57 18.94 -1.97
C ALA B 250 -13.44 17.74 -1.05
N PHE B 251 -12.88 16.64 -1.56
CA PHE B 251 -12.65 15.45 -0.76
C PHE B 251 -11.82 15.76 0.49
N SER B 252 -10.84 16.64 0.33
CA SER B 252 -10.00 17.07 1.45
C SER B 252 -10.85 17.68 2.59
N ARG B 253 -11.89 18.42 2.23
CA ARG B 253 -12.78 19.04 3.21
C ARG B 253 -13.83 18.06 3.73
N LEU B 254 -14.40 17.29 2.80
CA LEU B 254 -15.33 16.20 3.11
C LEU B 254 -14.78 15.27 4.18
N LEU B 255 -13.49 14.95 4.05
CA LEU B 255 -12.81 14.06 4.98
C LEU B 255 -12.97 14.54 6.42
N ARG B 256 -12.75 15.83 6.63
CA ARG B 256 -12.83 16.42 7.97
C ARG B 256 -14.26 16.49 8.50
N GLN B 257 -15.21 16.67 7.59
CA GLN B 257 -16.64 16.62 7.94
C GLN B 257 -17.03 15.24 8.46
N LEU B 258 -16.60 14.21 7.73
CA LEU B 258 -16.88 12.83 8.11
C LEU B 258 -16.23 12.43 9.44
N ALA B 259 -14.97 12.84 9.60
CA ALA B 259 -14.20 12.53 10.81
C ALA B 259 -14.84 13.17 12.05
N ALA B 260 -15.42 14.35 11.87
CA ALA B 260 -16.07 15.08 12.96
C ALA B 260 -17.30 14.36 13.50
N ILE B 261 -18.05 13.72 12.61
CA ILE B 261 -19.23 12.93 13.00
C ILE B 261 -18.83 11.73 13.86
N ALA B 262 -17.81 11.01 13.42
CA ALA B 262 -17.28 9.86 14.14
C ALA B 262 -16.78 10.25 15.53
N ALA B 263 -16.14 11.42 15.61
CA ALA B 263 -15.59 11.93 16.86
C ALA B 263 -16.66 12.48 17.81
N SER B 264 -17.78 12.93 17.25
CA SER B 264 -18.86 13.51 18.05
C SER B 264 -19.69 12.46 18.79
N GLY B 265 -19.77 11.26 18.21
CA GLY B 265 -20.51 10.16 18.82
C GLY B 265 -22.03 10.32 18.72
C4 B49 C . 4.58 -1.27 16.75
C5 B49 C . 7.62 4.15 9.23
C6 B49 C . 6.42 3.50 9.43
C7 B49 C . 8.39 3.41 11.38
C13 B49 C . 7.71 0.63 16.07
C15 B49 C . 8.61 4.10 10.21
C17 B49 C . 7.18 2.76 11.59
C20 B49 C . 6.64 1.95 12.70
C21 B49 C . 5.28 1.56 12.27
C22 B49 C . 7.36 -0.71 18.26
C3 B49 C . 9.10 1.18 16.32
C12 B49 C . 7.37 1.66 13.84
C14 B49 C . 5.73 -0.44 16.28
C16 B49 C . 6.18 2.79 10.59
C18 B49 C . 6.95 0.87 14.95
C19 B49 C . 6.94 -0.21 16.92
N23 B49 C . 5.75 0.20 15.09
N24 B49 C . 5.08 2.08 11.05
N25 B49 C . 6.42 -0.99 19.20
O27 B49 C . 4.46 0.90 12.88
O28 B49 C . 8.54 -0.87 18.51
F29 B49 C . 9.78 4.73 10.00
C37 B49 C . 6.81 -1.50 20.53
C38 B49 C . 6.92 -3.03 20.49
N4 B49 C . 5.60 -3.63 20.74
C39 B49 C . 4.90 -4.16 19.54
C40 B49 C . 5.63 -4.60 21.84
C41 B49 C . 4.84 -4.05 23.03
C42 B49 C . 5.84 -4.67 18.45
C4 B49 D . -12.25 -12.25 -2.76
C5 B49 D . -8.24 -5.36 -8.43
C6 B49 D . -7.74 -5.93 -7.27
C7 B49 D . -10.21 -6.75 -8.30
C13 B49 D . -13.29 -10.56 -5.91
C15 B49 D . -9.47 -5.77 -8.94
C17 B49 D . -9.70 -7.32 -7.14
C20 B49 D . -10.24 -8.37 -6.25
C21 B49 D . -9.21 -8.53 -5.21
C22 B49 D . -14.73 -12.36 -4.76
C3 B49 D . -14.16 -10.24 -7.10
C12 B49 D . -11.46 -8.99 -6.45
C14 B49 D . -12.45 -11.44 -4.02
C16 B49 D . -8.47 -6.92 -6.61
C18 B49 D . -12.06 -9.97 -5.64
C19 B49 D . -13.53 -11.49 -4.88
N23 B49 D . -11.57 -10.53 -4.47
N24 B49 D . -8.21 -7.66 -5.46
N25 B49 D . -14.62 -13.60 -4.24
O27 B49 D . -9.23 -9.31 -4.26
O28 B49 D . -15.81 -11.96 -5.16
F29 B49 D . -9.96 -5.21 -10.07
C37 B49 D . -15.77 -14.52 -4.11
C38 B49 D . -16.63 -14.15 -2.88
N4 B49 D . -16.34 -14.97 -1.69
C39 B49 D . -16.49 -16.42 -1.93
C40 B49 D . -15.07 -14.65 -1.02
C41 B49 D . -15.25 -13.43 -0.12
C42 B49 D . -17.73 -16.95 -1.22
#